data_6GZ9
#
_entry.id   6GZ9
#
_cell.length_a   60.119
_cell.length_b   56.576
_cell.length_c   99.172
_cell.angle_alpha   90.000
_cell.angle_beta   104.660
_cell.angle_gamma   90.000
#
_symmetry.space_group_name_H-M   'P 1 21 1'
#
loop_
_entity.id
_entity.type
_entity.pdbx_description
1 polymer 'Peptide ABC transporter permease'
2 non-polymer '2-[(2-amino-6-oxo-1,6-dihydro-9H-purin-9-yl)methoxy]ethyl L-valinate'
3 water water
#
_entity_poly.entity_id   1
_entity_poly.type   'polypeptide(L)'
_entity_poly.pdbx_seq_one_letter_code
;QTIQSIPQKGFFGHPRGLGVLFFVEFWERFSYYGMRAMLIFYMYFAIHQNGLGIDKTTAMSIMSVYGALIYMSSIPGAWI
ADRITGTRGATLLGAVLIIIGHICLSLPFALFGLFSSMFFIIIGSGLMKPNISNIVGRLYPENDTRIDAGFVIFYMSVNL
GALISPIILQHFVDIRNFHGGFLLAAIGMALGLVWYLLFNRKNLGSVGMKPTNPLSKEEKRKYGMIIGIIVAIVIVVLLV
TYYTHTLSFDLISNTVLVLGVALPIIYFTTMLRSKDVTDGERSRVKAFIPLFILGMLFWSIQEQGSNVLNIYGLERSDMQ
LNLFGWTTRFGEALFQSINPLFILLFAPVISMIWLKMGKKQPSLAIKFSIGTLLAGLSYILIGLVGLGYGHTQFSVNWVI
LSYVICVIGELCLSPTGNSAAVKLAPKAFNAQMMSVWLLTNASAQAINGTLVKLIKPLGQTNYFIFLGTVAIVITLIILV
FSPKITKA
;
_entity_poly.pdbx_strand_id   A
#
# COMPACT_ATOMS: atom_id res chain seq x y z
N GLN A 1 -22.60 22.89 13.22
CA GLN A 1 -21.15 22.99 13.10
C GLN A 1 -20.48 21.60 13.13
N THR A 2 -19.33 21.50 12.46
CA THR A 2 -18.60 20.23 12.40
C THR A 2 -17.82 19.98 13.68
N ILE A 3 -17.22 21.03 14.26
CA ILE A 3 -16.38 20.91 15.45
C ILE A 3 -17.14 21.19 16.74
N GLN A 4 -18.35 21.74 16.66
CA GLN A 4 -19.18 21.89 17.85
C GLN A 4 -19.94 20.61 18.22
N SER A 5 -19.93 19.59 17.35
CA SER A 5 -20.65 18.36 17.64
C SER A 5 -19.78 17.30 18.30
N ILE A 6 -18.46 17.46 18.22
CA ILE A 6 -17.51 16.40 18.59
C ILE A 6 -16.66 16.86 19.76
N PRO A 7 -16.25 15.94 20.64
CA PRO A 7 -15.34 16.31 21.74
C PRO A 7 -13.93 16.59 21.23
N GLN A 8 -13.38 17.71 21.68
CA GLN A 8 -12.10 18.21 21.21
C GLN A 8 -10.93 17.60 21.94
N LYS A 9 -11.19 16.70 22.88
CA LYS A 9 -10.16 16.06 23.68
C LYS A 9 -10.50 14.57 23.84
N GLY A 10 -9.73 13.85 24.66
CA GLY A 10 -10.09 12.51 25.10
C GLY A 10 -9.16 11.37 24.68
N PHE A 11 -8.07 11.62 23.97
CA PHE A 11 -7.18 10.54 23.54
C PHE A 11 -5.78 11.12 23.39
N PHE A 12 -4.99 11.00 24.46
CA PHE A 12 -3.63 11.54 24.51
C PHE A 12 -3.56 13.01 24.09
N GLY A 13 -4.59 13.77 24.46
CA GLY A 13 -4.64 15.20 24.21
C GLY A 13 -5.25 15.63 22.88
N HIS A 14 -5.64 14.66 22.04
CA HIS A 14 -6.32 14.80 20.75
C HIS A 14 -7.80 14.46 20.88
N PRO A 15 -8.60 14.69 19.84
CA PRO A 15 -10.05 14.49 19.99
C PRO A 15 -10.39 13.04 20.23
N ARG A 16 -11.29 12.80 21.20
CA ARG A 16 -11.66 11.45 21.61
C ARG A 16 -11.86 10.50 20.42
N GLY A 17 -12.42 11.01 19.33
CA GLY A 17 -12.72 10.13 18.19
C GLY A 17 -11.49 9.63 17.45
N LEU A 18 -10.34 10.26 17.66
CA LEU A 18 -9.09 9.65 17.22
C LEU A 18 -8.80 8.36 17.98
N GLY A 19 -9.33 8.20 19.20
CA GLY A 19 -9.28 6.92 19.86
C GLY A 19 -10.17 5.87 19.22
N VAL A 20 -11.29 6.28 18.62
CA VAL A 20 -12.17 5.32 17.99
C VAL A 20 -11.57 4.78 16.71
N LEU A 21 -10.96 5.66 15.91
CA LEU A 21 -10.50 5.20 14.61
C LEU A 21 -9.14 4.57 14.70
N PHE A 22 -8.37 4.90 15.73
CA PHE A 22 -7.15 4.14 15.98
C PHE A 22 -7.48 2.68 16.15
N PHE A 23 -8.45 2.38 17.02
CA PHE A 23 -8.90 1.01 17.22
C PHE A 23 -9.54 0.41 15.97
N VAL A 24 -10.15 1.23 15.12
CA VAL A 24 -10.69 0.67 13.88
C VAL A 24 -9.59 0.41 12.88
N GLU A 25 -8.79 1.42 12.53
CA GLU A 25 -7.74 1.17 11.56
C GLU A 25 -6.73 0.16 12.08
N PHE A 26 -6.57 0.02 13.40
CA PHE A 26 -5.65 -1.01 13.89
C PHE A 26 -6.16 -2.40 13.53
N TRP A 27 -7.40 -2.70 13.92
CA TRP A 27 -7.95 -4.01 13.64
C TRP A 27 -8.18 -4.25 12.15
N GLU A 28 -8.26 -3.21 11.33
CA GLU A 28 -8.30 -3.49 9.89
C GLU A 28 -6.90 -3.81 9.38
N ARG A 29 -5.96 -2.90 9.59
CA ARG A 29 -4.64 -3.10 9.00
C ARG A 29 -3.95 -4.32 9.58
N PHE A 30 -4.33 -4.70 10.81
CA PHE A 30 -3.90 -5.99 11.36
C PHE A 30 -4.37 -7.13 10.47
N SER A 31 -5.68 -7.24 10.25
CA SER A 31 -6.14 -8.37 9.47
C SER A 31 -5.74 -8.25 8.01
N TYR A 32 -5.53 -7.03 7.50
CA TYR A 32 -5.06 -6.95 6.13
C TYR A 32 -3.66 -7.52 6.01
N TYR A 33 -2.68 -6.88 6.63
CA TYR A 33 -1.29 -7.30 6.51
C TYR A 33 -1.04 -8.68 7.09
N GLY A 34 -2.06 -9.30 7.68
CA GLY A 34 -1.97 -10.67 8.11
C GLY A 34 -2.37 -11.57 6.98
N MET A 35 -3.63 -11.48 6.56
CA MET A 35 -4.02 -12.10 5.31
C MET A 35 -2.94 -11.89 4.25
N ARG A 36 -2.50 -10.65 4.04
CA ARG A 36 -1.54 -10.38 2.99
C ARG A 36 -0.28 -11.21 3.14
N ALA A 37 -0.01 -11.73 4.32
CA ALA A 37 1.27 -12.38 4.56
C ALA A 37 1.20 -13.90 4.57
N MET A 38 0.05 -14.47 4.91
CA MET A 38 -0.20 -15.86 4.56
C MET A 38 -0.37 -16.01 3.07
N LEU A 39 -1.12 -15.10 2.44
CA LEU A 39 -1.73 -15.38 1.15
C LEU A 39 -0.73 -15.91 0.14
N ILE A 40 0.47 -15.31 0.09
CA ILE A 40 1.48 -15.75 -0.85
C ILE A 40 1.73 -17.26 -0.72
N PHE A 41 1.87 -17.74 0.51
CA PHE A 41 2.11 -19.15 0.79
C PHE A 41 0.85 -19.97 0.65
N TYR A 42 -0.32 -19.38 0.87
CA TYR A 42 -1.50 -20.16 0.57
C TYR A 42 -1.65 -20.42 -0.93
N MET A 43 -0.91 -19.73 -1.77
CA MET A 43 -1.08 -19.95 -3.19
C MET A 43 -0.10 -20.97 -3.76
N TYR A 44 1.20 -20.74 -3.59
CA TYR A 44 2.17 -21.60 -4.25
C TYR A 44 2.60 -22.75 -3.34
N PHE A 45 1.85 -23.02 -2.28
CA PHE A 45 2.11 -24.25 -1.57
C PHE A 45 1.37 -25.39 -2.24
N ALA A 46 1.82 -26.62 -1.95
CA ALA A 46 1.26 -27.79 -2.58
C ALA A 46 -0.03 -28.20 -1.88
N ILE A 47 -0.89 -28.87 -2.65
CA ILE A 47 -2.21 -29.25 -2.16
C ILE A 47 -2.10 -30.18 -0.96
N HIS A 48 -1.18 -31.15 -1.02
CA HIS A 48 -0.97 -32.00 0.15
C HIS A 48 -0.61 -31.17 1.37
N GLN A 49 0.05 -30.02 1.17
CA GLN A 49 0.46 -29.10 2.25
C GLN A 49 -0.59 -28.03 2.56
N ASN A 50 -1.85 -28.27 2.17
CA ASN A 50 -3.04 -27.44 2.37
C ASN A 50 -3.06 -26.18 1.49
N GLY A 51 -2.05 -25.91 0.68
CA GLY A 51 -2.03 -24.74 -0.17
C GLY A 51 -3.07 -24.85 -1.24
N LEU A 52 -2.83 -24.14 -2.35
CA LEU A 52 -3.65 -24.21 -3.55
C LEU A 52 -2.89 -24.76 -4.75
N GLY A 53 -1.56 -24.57 -4.79
CA GLY A 53 -0.72 -25.15 -5.84
C GLY A 53 -0.55 -24.30 -7.08
N ILE A 54 -0.65 -22.99 -6.97
CA ILE A 54 -0.56 -22.11 -8.12
C ILE A 54 0.89 -22.00 -8.55
N ASP A 55 1.09 -21.78 -9.84
CA ASP A 55 2.40 -21.45 -10.36
C ASP A 55 3.07 -20.38 -9.50
N LYS A 56 4.34 -20.62 -9.15
CA LYS A 56 5.12 -19.67 -8.37
C LYS A 56 5.07 -18.26 -8.98
N THR A 57 5.01 -18.15 -10.31
CA THR A 57 5.02 -16.81 -10.93
C THR A 57 3.62 -16.21 -11.01
N THR A 58 2.59 -17.02 -11.21
CA THR A 58 1.24 -16.47 -11.11
C THR A 58 0.96 -16.00 -9.69
N ALA A 59 1.48 -16.70 -8.68
CA ALA A 59 1.20 -16.29 -7.30
C ALA A 59 1.95 -15.00 -6.95
N MET A 60 3.22 -14.88 -7.35
CA MET A 60 3.92 -13.63 -7.11
C MET A 60 3.26 -12.48 -7.84
N SER A 61 2.66 -12.79 -8.99
CA SER A 61 2.06 -11.81 -9.88
C SER A 61 0.69 -11.34 -9.37
N ILE A 62 -0.18 -12.26 -8.97
CA ILE A 62 -1.38 -11.88 -8.23
C ILE A 62 -1.04 -10.91 -7.11
N MET A 63 -0.01 -11.23 -6.34
CA MET A 63 0.32 -10.39 -5.19
C MET A 63 0.49 -8.93 -5.59
N SER A 64 1.22 -8.67 -6.67
CA SER A 64 1.38 -7.26 -7.02
C SER A 64 0.16 -6.69 -7.75
N VAL A 65 -0.61 -7.52 -8.43
CA VAL A 65 -1.85 -7.02 -9.01
C VAL A 65 -2.86 -6.72 -7.90
N TYR A 66 -3.05 -7.66 -6.99
CA TYR A 66 -3.87 -7.43 -5.81
C TYR A 66 -3.47 -6.16 -5.08
N GLY A 67 -2.16 -5.91 -4.97
CA GLY A 67 -1.72 -4.76 -4.22
C GLY A 67 -2.09 -3.46 -4.90
N ALA A 68 -1.68 -3.33 -6.18
CA ALA A 68 -1.99 -2.14 -6.97
C ALA A 68 -3.47 -1.81 -6.92
N LEU A 69 -4.33 -2.81 -7.04
CA LEU A 69 -5.74 -2.50 -7.07
C LEU A 69 -6.24 -1.96 -5.72
N ILE A 70 -5.58 -2.31 -4.62
CA ILE A 70 -5.95 -1.75 -3.31
C ILE A 70 -5.85 -0.22 -3.34
N TYR A 71 -4.87 0.31 -4.09
CA TYR A 71 -4.50 1.71 -4.09
C TYR A 71 -5.12 2.49 -5.22
N MET A 72 -5.34 1.85 -6.37
CA MET A 72 -6.18 2.46 -7.41
C MET A 72 -7.60 2.62 -6.91
N SER A 73 -8.16 1.58 -6.29
CA SER A 73 -9.51 1.67 -5.77
C SER A 73 -9.69 2.74 -4.69
N SER A 74 -8.63 3.38 -4.20
CA SER A 74 -8.86 4.53 -3.34
C SER A 74 -9.38 5.73 -4.12
N ILE A 75 -9.18 5.75 -5.42
CA ILE A 75 -9.50 6.88 -6.29
C ILE A 75 -11.01 7.00 -6.51
N PRO A 76 -11.72 5.95 -6.95
CA PRO A 76 -13.19 6.02 -6.98
C PRO A 76 -13.85 6.03 -5.62
N GLY A 77 -13.17 5.52 -4.58
CA GLY A 77 -13.77 5.49 -3.26
C GLY A 77 -13.63 6.81 -2.53
N ALA A 78 -12.57 7.56 -2.84
CA ALA A 78 -12.51 8.96 -2.47
C ALA A 78 -13.62 9.73 -3.17
N TRP A 79 -13.97 9.29 -4.37
CA TRP A 79 -15.02 9.94 -5.16
C TRP A 79 -16.40 9.63 -4.60
N ILE A 80 -16.67 8.37 -4.26
CA ILE A 80 -18.02 8.03 -3.81
C ILE A 80 -18.32 8.68 -2.47
N ALA A 81 -17.30 8.91 -1.64
CA ALA A 81 -17.50 9.66 -0.41
C ALA A 81 -17.68 11.13 -0.71
N ASP A 82 -17.15 11.57 -1.85
CA ASP A 82 -17.20 12.96 -2.28
C ASP A 82 -18.52 13.33 -2.94
N ARG A 83 -19.25 12.39 -3.52
CA ARG A 83 -20.41 12.72 -4.32
C ARG A 83 -21.66 11.92 -4.00
N ILE A 84 -21.58 10.78 -3.31
CA ILE A 84 -22.77 9.96 -3.11
C ILE A 84 -22.99 9.60 -1.63
N THR A 85 -21.98 9.07 -0.95
CA THR A 85 -22.22 8.51 0.37
C THR A 85 -21.70 9.37 1.52
N GLY A 86 -20.67 10.16 1.29
CA GLY A 86 -19.98 10.80 2.39
C GLY A 86 -18.91 9.88 2.96
N THR A 87 -18.04 10.47 3.80
CA THR A 87 -16.88 9.72 4.25
C THR A 87 -17.30 8.64 5.22
N ARG A 88 -18.20 8.97 6.15
CA ARG A 88 -18.63 7.98 7.14
C ARG A 88 -19.27 6.77 6.48
N GLY A 89 -20.22 7.00 5.58
CA GLY A 89 -20.91 5.88 4.99
C GLY A 89 -19.96 4.94 4.28
N ALA A 90 -19.10 5.52 3.43
CA ALA A 90 -18.13 4.73 2.70
C ALA A 90 -17.29 3.88 3.64
N THR A 91 -16.82 4.46 4.74
CA THR A 91 -16.00 3.66 5.65
C THR A 91 -16.79 2.49 6.20
N LEU A 92 -18.04 2.71 6.61
CA LEU A 92 -18.85 1.60 7.12
C LEU A 92 -19.07 0.57 6.03
N LEU A 93 -19.46 1.00 4.83
CA LEU A 93 -19.61 0.05 3.74
C LEU A 93 -18.29 -0.68 3.49
N GLY A 94 -17.20 0.07 3.30
CA GLY A 94 -15.90 -0.55 3.13
C GLY A 94 -15.61 -1.61 4.15
N ALA A 95 -15.85 -1.31 5.43
CA ALA A 95 -15.52 -2.26 6.49
C ALA A 95 -16.32 -3.55 6.33
N VAL A 96 -17.64 -3.43 6.14
CA VAL A 96 -18.49 -4.62 5.99
C VAL A 96 -18.09 -5.43 4.75
N LEU A 97 -17.67 -4.74 3.69
CA LEU A 97 -17.18 -5.51 2.54
C LEU A 97 -15.93 -6.28 2.91
N ILE A 98 -14.99 -5.62 3.58
CA ILE A 98 -13.73 -6.29 3.90
C ILE A 98 -14.01 -7.59 4.66
N ILE A 99 -14.86 -7.53 5.70
CA ILE A 99 -15.12 -8.72 6.51
C ILE A 99 -15.68 -9.84 5.65
N ILE A 100 -16.48 -9.50 4.64
CA ILE A 100 -16.96 -10.54 3.74
C ILE A 100 -15.77 -11.20 3.04
N GLY A 101 -14.86 -10.40 2.52
CA GLY A 101 -13.73 -10.96 1.79
C GLY A 101 -12.82 -11.82 2.66
N HIS A 102 -12.66 -11.47 3.92
CA HIS A 102 -11.89 -12.34 4.78
C HIS A 102 -12.62 -13.65 5.04
N ILE A 103 -13.93 -13.60 5.26
CA ILE A 103 -14.69 -14.82 5.50
C ILE A 103 -14.59 -15.77 4.32
N CYS A 104 -14.53 -15.23 3.10
CA CYS A 104 -14.40 -16.03 1.88
C CYS A 104 -13.20 -16.96 1.92
N LEU A 105 -12.04 -16.45 2.32
CA LEU A 105 -10.86 -17.30 2.34
C LEU A 105 -10.94 -18.36 3.42
N SER A 106 -11.78 -18.16 4.44
CA SER A 106 -11.92 -19.14 5.50
C SER A 106 -12.66 -20.37 5.03
N LEU A 107 -13.65 -20.19 4.15
CA LEU A 107 -14.43 -21.27 3.58
C LEU A 107 -13.61 -22.02 2.53
N PRO A 108 -13.87 -23.32 2.36
CA PRO A 108 -13.10 -24.17 1.43
C PRO A 108 -13.54 -24.06 -0.03
N PHE A 109 -13.40 -22.86 -0.59
CA PHE A 109 -13.85 -22.57 -1.95
C PHE A 109 -12.71 -22.58 -2.96
N ALA A 110 -11.48 -22.88 -2.53
CA ALA A 110 -10.37 -23.20 -3.42
C ALA A 110 -10.15 -22.03 -4.36
N LEU A 111 -10.36 -22.18 -5.66
CA LEU A 111 -10.02 -21.08 -6.57
C LEU A 111 -11.09 -20.01 -6.65
N PHE A 112 -12.36 -20.37 -6.42
CA PHE A 112 -13.43 -19.38 -6.40
C PHE A 112 -13.32 -18.46 -5.19
N GLY A 113 -13.20 -19.04 -4.00
CA GLY A 113 -13.13 -18.26 -2.79
C GLY A 113 -11.92 -17.36 -2.74
N LEU A 114 -10.89 -17.65 -3.51
CA LEU A 114 -9.75 -16.76 -3.51
C LEU A 114 -10.10 -15.45 -4.19
N PHE A 115 -10.66 -15.51 -5.40
CA PHE A 115 -10.85 -14.26 -6.12
C PHE A 115 -12.05 -13.49 -5.61
N SER A 116 -13.12 -14.18 -5.21
CA SER A 116 -14.21 -13.45 -4.57
C SER A 116 -13.70 -12.66 -3.38
N SER A 117 -12.76 -13.25 -2.62
CA SER A 117 -12.09 -12.51 -1.55
C SER A 117 -11.45 -11.24 -2.09
N MET A 118 -10.54 -11.39 -3.06
CA MET A 118 -9.87 -10.23 -3.65
C MET A 118 -10.86 -9.19 -4.11
N PHE A 119 -11.98 -9.63 -4.67
CA PHE A 119 -13.02 -8.72 -5.10
C PHE A 119 -13.56 -7.92 -3.91
N PHE A 120 -14.03 -8.63 -2.88
CA PHE A 120 -14.68 -7.94 -1.79
C PHE A 120 -13.72 -7.04 -1.03
N ILE A 121 -12.45 -7.42 -0.95
CA ILE A 121 -11.57 -6.59 -0.16
C ILE A 121 -11.19 -5.35 -0.94
N ILE A 122 -10.81 -5.54 -2.20
CA ILE A 122 -10.41 -4.40 -3.04
C ILE A 122 -11.51 -3.33 -3.04
N ILE A 123 -12.74 -3.76 -3.23
CA ILE A 123 -13.86 -2.83 -3.18
C ILE A 123 -13.84 -2.04 -1.87
N GLY A 124 -14.02 -2.74 -0.73
CA GLY A 124 -14.12 -2.06 0.56
C GLY A 124 -12.88 -1.25 0.92
N SER A 125 -11.71 -1.67 0.45
CA SER A 125 -10.48 -0.96 0.78
C SER A 125 -10.50 0.47 0.23
N GLY A 126 -10.93 0.66 -1.01
CA GLY A 126 -11.02 1.99 -1.57
C GLY A 126 -12.10 2.85 -0.94
N LEU A 127 -13.14 2.23 -0.41
CA LEU A 127 -14.13 2.96 0.37
C LEU A 127 -13.67 3.22 1.79
N MET A 128 -12.59 2.61 2.23
CA MET A 128 -12.28 2.77 3.62
C MET A 128 -10.93 3.41 3.84
N LYS A 129 -9.87 2.80 3.30
CA LYS A 129 -8.53 3.33 3.50
C LYS A 129 -8.45 4.83 3.28
N PRO A 130 -8.94 5.40 2.16
CA PRO A 130 -8.78 6.86 1.96
C PRO A 130 -9.82 7.69 2.68
N ASN A 131 -10.99 7.15 3.02
CA ASN A 131 -12.01 7.96 3.65
C ASN A 131 -11.98 7.90 5.16
N ILE A 132 -11.36 6.85 5.74
CA ILE A 132 -11.05 6.89 7.16
C ILE A 132 -10.01 7.97 7.42
N SER A 133 -9.02 8.07 6.53
CA SER A 133 -8.01 9.10 6.68
C SER A 133 -8.62 10.48 6.50
N ASN A 134 -9.69 10.58 5.72
CA ASN A 134 -10.36 11.87 5.59
C ASN A 134 -10.96 12.27 6.95
N ILE A 135 -11.71 11.35 7.57
CA ILE A 135 -12.46 11.71 8.77
C ILE A 135 -11.51 12.15 9.89
N VAL A 136 -10.29 11.64 9.92
CA VAL A 136 -9.40 12.02 11.01
C VAL A 136 -8.94 13.45 10.83
N GLY A 137 -8.74 13.90 9.58
CA GLY A 137 -8.37 15.28 9.36
C GLY A 137 -9.50 16.23 9.69
N ARG A 138 -10.73 15.85 9.37
CA ARG A 138 -11.89 16.69 9.62
C ARG A 138 -12.22 16.80 11.10
N LEU A 139 -11.54 16.09 11.98
CA LEU A 139 -11.86 16.28 13.38
C LEU A 139 -11.17 17.50 13.95
N TYR A 140 -10.16 18.00 13.28
CA TYR A 140 -9.45 19.15 13.81
C TYR A 140 -9.97 20.40 13.11
N PRO A 141 -10.30 21.44 13.88
CA PRO A 141 -10.81 22.67 13.28
C PRO A 141 -9.76 23.39 12.44
N GLU A 142 -10.28 24.28 11.60
CA GLU A 142 -9.52 25.03 10.59
C GLU A 142 -8.11 25.45 11.02
N ASN A 143 -8.00 26.10 12.18
CA ASN A 143 -6.73 26.62 12.65
C ASN A 143 -6.27 25.90 13.91
N ASP A 144 -6.19 24.56 13.83
CA ASP A 144 -5.85 23.71 14.97
C ASP A 144 -4.53 23.04 14.67
N THR A 145 -3.53 23.37 15.44
CA THR A 145 -2.19 22.88 15.16
C THR A 145 -1.92 21.48 15.69
N ARG A 146 -2.90 20.83 16.33
CA ARG A 146 -2.75 19.44 16.78
C ARG A 146 -2.77 18.42 15.65
N ILE A 147 -3.41 18.77 14.54
CA ILE A 147 -3.68 17.85 13.44
C ILE A 147 -2.42 17.07 13.03
N ASP A 148 -1.23 17.64 13.28
CA ASP A 148 0.00 17.01 12.79
C ASP A 148 0.27 15.68 13.50
N ALA A 149 0.54 15.73 14.81
CA ALA A 149 0.75 14.49 15.53
C ALA A 149 -0.48 13.59 15.52
N GLY A 150 -1.67 14.16 15.36
CA GLY A 150 -2.87 13.34 15.25
C GLY A 150 -2.82 12.35 14.10
N PHE A 151 -2.19 12.74 12.99
CA PHE A 151 -1.99 11.80 11.90
C PHE A 151 -0.81 10.87 12.18
N VAL A 152 0.18 11.31 12.93
CA VAL A 152 1.28 10.41 13.27
C VAL A 152 0.78 9.25 14.12
N ILE A 153 -0.08 9.55 15.09
CA ILE A 153 -0.67 8.52 15.91
C ILE A 153 -1.61 7.62 15.08
N PHE A 154 -2.44 8.22 14.23
CA PHE A 154 -3.27 7.39 13.35
C PHE A 154 -2.39 6.40 12.62
N TYR A 155 -1.41 6.91 11.87
CA TYR A 155 -0.61 5.96 11.11
C TYR A 155 0.27 5.08 11.99
N MET A 156 0.23 5.29 13.30
CA MET A 156 0.95 4.39 14.19
C MET A 156 0.20 3.08 14.40
N SER A 157 -1.13 3.10 14.31
CA SER A 157 -1.82 1.83 14.31
C SER A 157 -1.53 1.10 13.01
N VAL A 158 -1.46 1.84 11.90
CA VAL A 158 -1.10 1.25 10.62
C VAL A 158 0.11 0.34 10.80
N ASN A 159 1.16 0.84 11.41
CA ASN A 159 2.32 -0.01 11.59
C ASN A 159 2.19 -0.97 12.75
N LEU A 160 1.25 -0.74 13.67
CA LEU A 160 1.12 -1.68 14.80
C LEU A 160 0.38 -2.92 14.35
N GLY A 161 -0.74 -2.76 13.66
CA GLY A 161 -1.36 -3.90 13.02
C GLY A 161 -0.38 -4.67 12.16
N ALA A 162 0.36 -3.96 11.31
CA ALA A 162 1.17 -4.67 10.31
C ALA A 162 2.37 -5.34 10.93
N LEU A 163 2.70 -4.96 12.17
CA LEU A 163 3.78 -5.57 12.91
C LEU A 163 3.31 -6.84 13.60
N ILE A 164 2.21 -6.75 14.34
CA ILE A 164 1.80 -7.82 15.22
C ILE A 164 1.20 -9.01 14.47
N SER A 165 0.53 -8.78 13.33
CA SER A 165 -0.23 -9.87 12.71
C SER A 165 0.62 -10.91 11.98
N PRO A 166 1.77 -10.58 11.38
CA PRO A 166 2.60 -11.68 10.85
C PRO A 166 3.15 -12.53 11.95
N ILE A 167 3.42 -11.91 13.10
CA ILE A 167 3.89 -12.67 14.26
C ILE A 167 2.85 -13.70 14.65
N ILE A 168 1.67 -13.22 15.05
CA ILE A 168 0.61 -14.13 15.47
C ILE A 168 0.31 -15.18 14.39
N LEU A 169 0.09 -14.72 13.15
CA LEU A 169 -0.36 -15.59 12.07
C LEU A 169 0.67 -16.62 11.67
N GLN A 170 1.89 -16.52 12.19
CA GLN A 170 2.98 -17.42 11.78
C GLN A 170 2.69 -18.87 12.13
N HIS A 171 1.90 -19.12 13.18
CA HIS A 171 1.70 -20.48 13.65
C HIS A 171 0.80 -21.25 12.71
N PHE A 172 -0.25 -20.59 12.22
CA PHE A 172 -1.16 -21.20 11.25
C PHE A 172 -0.49 -21.48 9.92
N VAL A 173 0.72 -20.96 9.69
CA VAL A 173 1.48 -21.38 8.52
C VAL A 173 2.28 -22.62 8.83
N ASP A 174 2.83 -22.70 10.04
CA ASP A 174 3.62 -23.86 10.42
C ASP A 174 2.74 -25.11 10.46
N ILE A 175 1.67 -25.07 11.24
CA ILE A 175 0.73 -26.20 11.28
C ILE A 175 -0.14 -26.22 10.03
N ARG A 176 0.31 -25.53 8.98
CA ARG A 176 -0.34 -25.44 7.68
C ARG A 176 -1.88 -25.42 7.74
N ASN A 177 -2.46 -24.70 8.72
CA ASN A 177 -3.91 -24.51 8.79
C ASN A 177 -4.20 -23.12 8.25
N PHE A 178 -4.31 -23.01 6.93
CA PHE A 178 -4.54 -21.69 6.36
C PHE A 178 -5.94 -21.21 6.67
N HIS A 179 -6.95 -22.07 6.50
CA HIS A 179 -8.32 -21.64 6.78
C HIS A 179 -8.46 -20.98 8.15
N GLY A 180 -7.81 -21.53 9.17
CA GLY A 180 -8.01 -21.00 10.50
C GLY A 180 -7.43 -19.62 10.68
N GLY A 181 -6.27 -19.36 10.05
CA GLY A 181 -5.68 -18.04 10.12
C GLY A 181 -6.52 -16.98 9.47
N PHE A 182 -7.04 -17.27 8.27
CA PHE A 182 -7.92 -16.31 7.61
C PHE A 182 -9.19 -16.06 8.40
N LEU A 183 -9.54 -16.99 9.29
CA LEU A 183 -10.64 -16.72 10.19
C LEU A 183 -10.21 -15.79 11.32
N LEU A 184 -8.97 -15.91 11.82
CA LEU A 184 -8.53 -14.98 12.86
C LEU A 184 -8.56 -13.55 12.36
N ALA A 185 -7.85 -13.29 11.25
CA ALA A 185 -7.96 -11.99 10.61
C ALA A 185 -9.42 -11.59 10.47
N ALA A 186 -10.26 -12.54 10.04
CA ALA A 186 -11.67 -12.26 9.80
C ALA A 186 -12.35 -11.74 11.05
N ILE A 187 -12.22 -12.46 12.17
CA ILE A 187 -12.69 -11.95 13.45
C ILE A 187 -12.08 -10.60 13.72
N GLY A 188 -10.73 -10.55 13.71
CA GLY A 188 -10.03 -9.32 14.06
C GLY A 188 -10.62 -8.11 13.36
N MET A 189 -10.95 -8.27 12.09
CA MET A 189 -11.62 -7.20 11.38
C MET A 189 -12.98 -6.90 12.00
N ALA A 190 -13.72 -7.91 12.47
CA ALA A 190 -15.05 -7.63 13.00
C ALA A 190 -14.96 -6.82 14.29
N LEU A 191 -14.03 -7.20 15.19
CA LEU A 191 -13.68 -6.34 16.31
C LEU A 191 -13.66 -4.85 15.97
N GLY A 192 -12.91 -4.48 14.92
CA GLY A 192 -12.91 -3.10 14.48
C GLY A 192 -14.29 -2.59 14.12
N LEU A 193 -15.06 -3.39 13.39
CA LEU A 193 -16.40 -2.96 13.00
C LEU A 193 -17.28 -2.77 14.22
N VAL A 194 -17.41 -3.80 15.04
CA VAL A 194 -18.23 -3.68 16.26
C VAL A 194 -17.86 -2.41 17.01
N TRP A 195 -16.56 -2.18 17.20
CA TRP A 195 -16.09 -1.01 17.94
C TRP A 195 -16.51 0.29 17.29
N TYR A 196 -16.52 0.35 15.96
CA TYR A 196 -17.02 1.54 15.29
C TYR A 196 -18.51 1.66 15.51
N LEU A 197 -19.25 0.58 15.28
CA LEU A 197 -20.69 0.64 15.50
C LEU A 197 -21.00 1.08 16.93
N LEU A 198 -20.23 0.60 17.91
CA LEU A 198 -20.58 0.91 19.30
C LEU A 198 -20.25 2.35 19.68
N PHE A 199 -19.19 2.93 19.10
CA PHE A 199 -18.75 4.23 19.57
C PHE A 199 -18.52 5.25 18.47
N ASN A 200 -18.98 5.03 17.24
CA ASN A 200 -18.76 6.07 16.25
C ASN A 200 -19.75 7.20 16.35
N ARG A 201 -20.98 6.94 16.84
CA ARG A 201 -22.02 7.95 16.80
C ARG A 201 -21.70 9.13 17.71
N LYS A 202 -21.05 8.87 18.84
CA LYS A 202 -20.88 9.88 19.88
C LYS A 202 -19.53 10.59 19.85
N ASN A 203 -18.50 9.99 19.27
CA ASN A 203 -17.18 10.60 19.19
C ASN A 203 -16.93 11.29 17.88
N LEU A 204 -17.51 10.79 16.80
CA LEU A 204 -17.31 11.40 15.50
C LEU A 204 -18.38 12.44 15.21
N GLY A 205 -19.45 12.46 16.00
CA GLY A 205 -20.47 13.48 15.83
C GLY A 205 -21.15 13.36 14.49
N SER A 206 -21.14 14.47 13.75
CA SER A 206 -21.81 14.60 12.46
C SER A 206 -20.85 14.73 11.29
N VAL A 207 -19.59 14.36 11.48
CA VAL A 207 -18.57 14.63 10.48
C VAL A 207 -18.70 13.63 9.36
N GLY A 208 -18.72 14.13 8.12
CA GLY A 208 -18.73 13.30 6.93
C GLY A 208 -19.96 12.46 6.75
N MET A 209 -21.07 12.80 7.43
CA MET A 209 -22.32 12.07 7.26
C MET A 209 -23.04 12.47 5.97
N LYS A 210 -22.70 13.62 5.41
CA LYS A 210 -23.25 13.94 4.12
C LYS A 210 -22.10 14.10 3.15
N PRO A 211 -22.30 13.81 1.86
CA PRO A 211 -21.25 14.07 0.87
C PRO A 211 -21.00 15.55 0.73
N THR A 212 -19.80 15.87 0.25
CA THR A 212 -19.41 17.27 0.08
C THR A 212 -20.06 17.87 -1.17
N ASN A 213 -19.75 17.33 -2.35
CA ASN A 213 -20.30 17.86 -3.58
C ASN A 213 -21.35 16.93 -4.20
N PRO A 214 -22.54 16.77 -3.62
CA PRO A 214 -23.43 15.70 -4.06
C PRO A 214 -23.82 15.85 -5.53
N LEU A 215 -24.33 14.76 -6.07
CA LEU A 215 -24.62 14.65 -7.48
C LEU A 215 -26.02 15.19 -7.75
N SER A 216 -26.13 16.04 -8.76
CA SER A 216 -27.40 16.59 -9.20
C SER A 216 -28.22 15.50 -9.88
N LYS A 217 -29.50 15.81 -10.10
CA LYS A 217 -30.41 14.91 -10.78
C LYS A 217 -29.83 14.41 -12.10
N GLU A 218 -29.28 15.32 -12.91
CA GLU A 218 -28.77 14.89 -14.21
C GLU A 218 -27.42 14.19 -14.10
N GLU A 219 -26.62 14.53 -13.08
CA GLU A 219 -25.37 13.82 -12.87
C GLU A 219 -25.59 12.38 -12.42
N LYS A 220 -26.62 12.15 -11.59
CA LYS A 220 -27.00 10.79 -11.24
C LYS A 220 -27.31 9.96 -12.48
N ARG A 221 -27.84 10.58 -13.53
CA ARG A 221 -28.15 9.87 -14.77
C ARG A 221 -26.91 9.68 -15.64
N LYS A 222 -26.22 10.78 -15.95
CA LYS A 222 -25.00 10.72 -16.76
C LYS A 222 -24.04 9.67 -16.21
N TYR A 223 -23.53 9.88 -14.99
CA TYR A 223 -22.53 8.99 -14.41
C TYR A 223 -23.05 7.56 -14.26
N GLY A 224 -24.28 7.40 -13.78
CA GLY A 224 -24.89 6.07 -13.71
C GLY A 224 -25.09 5.40 -15.06
N MET A 225 -25.06 6.16 -16.15
CA MET A 225 -25.02 5.52 -17.46
C MET A 225 -23.62 4.99 -17.73
N ILE A 226 -22.63 5.91 -17.66
CA ILE A 226 -21.25 5.63 -18.04
C ILE A 226 -20.69 4.49 -17.18
N ILE A 227 -20.72 4.68 -15.87
CA ILE A 227 -20.27 3.64 -14.94
C ILE A 227 -21.05 2.34 -15.16
N GLY A 228 -22.37 2.44 -15.33
CA GLY A 228 -23.15 1.24 -15.59
C GLY A 228 -22.66 0.44 -16.77
N ILE A 229 -22.20 1.11 -17.84
CA ILE A 229 -21.88 0.35 -19.04
C ILE A 229 -20.55 -0.37 -18.89
N ILE A 230 -19.54 0.30 -18.33
CA ILE A 230 -18.21 -0.29 -18.21
C ILE A 230 -18.26 -1.53 -17.34
N VAL A 231 -19.04 -1.48 -16.25
CA VAL A 231 -19.32 -2.64 -15.43
C VAL A 231 -19.90 -3.76 -16.30
N ALA A 232 -20.77 -3.41 -17.25
CA ALA A 232 -21.35 -4.42 -18.12
C ALA A 232 -20.31 -4.98 -19.07
N ILE A 233 -19.57 -4.10 -19.77
CA ILE A 233 -18.53 -4.55 -20.70
C ILE A 233 -17.52 -5.43 -20.00
N VAL A 234 -17.14 -5.07 -18.78
CA VAL A 234 -16.18 -5.87 -18.03
C VAL A 234 -16.76 -7.27 -17.76
N ILE A 235 -17.89 -7.32 -17.04
CA ILE A 235 -18.59 -8.56 -16.73
C ILE A 235 -18.63 -9.44 -17.97
N VAL A 236 -19.03 -8.86 -19.10
CA VAL A 236 -19.24 -9.71 -20.26
C VAL A 236 -17.92 -10.32 -20.71
N VAL A 237 -16.86 -9.52 -20.82
CA VAL A 237 -15.63 -10.08 -21.35
C VAL A 237 -15.00 -11.04 -20.36
N LEU A 238 -15.33 -10.94 -19.08
CA LEU A 238 -14.95 -12.03 -18.18
C LEU A 238 -15.84 -13.25 -18.42
N LEU A 239 -17.16 -13.06 -18.37
CA LEU A 239 -18.08 -14.15 -18.66
C LEU A 239 -17.71 -14.86 -19.94
N VAL A 240 -17.43 -14.08 -21.00
CA VAL A 240 -17.14 -14.63 -22.33
C VAL A 240 -15.87 -15.47 -22.31
N THR A 241 -14.85 -14.99 -21.61
CA THR A 241 -13.57 -15.70 -21.62
C THR A 241 -13.59 -16.89 -20.67
N TYR A 242 -14.38 -16.85 -19.60
CA TYR A 242 -14.50 -18.03 -18.74
C TYR A 242 -15.11 -19.20 -19.51
N TYR A 243 -16.22 -18.96 -20.21
CA TYR A 243 -16.93 -20.05 -20.87
C TYR A 243 -16.37 -20.41 -22.24
N THR A 244 -15.41 -19.65 -22.77
CA THR A 244 -14.64 -20.12 -23.91
C THR A 244 -13.25 -20.58 -23.52
N HIS A 245 -12.93 -20.56 -22.21
CA HIS A 245 -11.64 -21.01 -21.72
C HIS A 245 -10.49 -20.23 -22.37
N THR A 246 -10.66 -18.90 -22.40
CA THR A 246 -9.61 -17.95 -22.75
C THR A 246 -8.99 -17.29 -21.52
N LEU A 247 -9.66 -17.38 -20.39
CA LEU A 247 -9.38 -16.54 -19.23
C LEU A 247 -8.27 -17.13 -18.39
N SER A 248 -7.18 -16.38 -18.26
CA SER A 248 -6.15 -16.65 -17.27
C SER A 248 -5.82 -15.32 -16.60
N PHE A 249 -4.76 -15.32 -15.80
CA PHE A 249 -4.41 -14.08 -15.12
C PHE A 249 -3.66 -13.11 -16.03
N ASP A 250 -3.23 -13.51 -17.23
CA ASP A 250 -2.61 -12.55 -18.12
C ASP A 250 -3.61 -11.48 -18.58
N LEU A 251 -4.91 -11.81 -18.59
CA LEU A 251 -5.88 -10.77 -18.88
C LEU A 251 -5.80 -9.68 -17.84
N ILE A 252 -5.85 -10.10 -16.56
CA ILE A 252 -5.89 -9.16 -15.45
C ILE A 252 -4.54 -8.48 -15.29
N SER A 253 -3.46 -9.25 -15.39
CA SER A 253 -2.16 -8.69 -15.08
C SER A 253 -1.74 -7.65 -16.11
N ASN A 254 -2.24 -7.77 -17.34
CA ASN A 254 -2.01 -6.81 -18.42
C ASN A 254 -2.95 -5.61 -18.39
N THR A 255 -4.25 -5.82 -18.13
CA THR A 255 -5.16 -4.71 -17.88
C THR A 255 -4.55 -3.74 -16.88
N VAL A 256 -4.24 -4.24 -15.70
CA VAL A 256 -3.75 -3.40 -14.61
C VAL A 256 -2.41 -2.79 -14.97
N LEU A 257 -1.56 -3.56 -15.63
CA LEU A 257 -0.38 -2.97 -16.22
C LEU A 257 -0.74 -1.73 -17.01
N VAL A 258 -1.80 -1.81 -17.82
CA VAL A 258 -2.20 -0.69 -18.66
C VAL A 258 -2.67 0.47 -17.79
N LEU A 259 -3.64 0.21 -16.91
CA LEU A 259 -4.12 1.25 -16.01
C LEU A 259 -2.98 1.90 -15.23
N GLY A 260 -2.08 1.07 -14.68
CA GLY A 260 -1.03 1.60 -13.84
C GLY A 260 -0.05 2.50 -14.57
N VAL A 261 0.06 2.34 -15.88
CA VAL A 261 0.85 3.26 -16.66
C VAL A 261 -0.02 4.37 -17.24
N ALA A 262 -1.29 4.08 -17.54
CA ALA A 262 -2.18 5.12 -18.03
C ALA A 262 -2.46 6.17 -16.96
N LEU A 263 -2.88 5.73 -15.78
CA LEU A 263 -3.43 6.66 -14.79
C LEU A 263 -2.49 7.76 -14.30
N PRO A 264 -1.16 7.58 -14.23
CA PRO A 264 -0.32 8.74 -13.91
C PRO A 264 -0.35 9.81 -14.99
N ILE A 265 -0.51 9.41 -16.25
CA ILE A 265 -0.35 10.35 -17.35
C ILE A 265 -1.56 11.28 -17.44
N ILE A 266 -2.75 10.70 -17.40
CA ILE A 266 -3.99 11.47 -17.37
C ILE A 266 -3.92 12.55 -16.31
N TYR A 267 -3.45 12.19 -15.10
CA TYR A 267 -3.46 13.14 -13.99
C TYR A 267 -2.51 14.29 -14.22
N PHE A 268 -1.35 14.02 -14.83
CA PHE A 268 -0.43 15.11 -15.16
C PHE A 268 -0.89 15.88 -16.38
N THR A 269 -1.64 15.24 -17.29
CA THR A 269 -2.14 15.93 -18.48
C THR A 269 -3.29 16.86 -18.14
N THR A 270 -4.31 16.35 -17.44
CA THR A 270 -5.41 17.22 -17.04
C THR A 270 -4.95 18.25 -16.02
N MET A 271 -3.86 17.98 -15.30
CA MET A 271 -3.30 18.94 -14.36
C MET A 271 -2.48 20.02 -15.06
N LEU A 272 -1.43 19.64 -15.79
CA LEU A 272 -0.59 20.65 -16.41
C LEU A 272 -1.40 21.57 -17.32
N ARG A 273 -2.46 21.05 -17.94
CA ARG A 273 -3.40 21.87 -18.70
C ARG A 273 -4.27 22.65 -17.74
N SER A 274 -5.43 23.12 -18.18
CA SER A 274 -6.32 23.92 -17.34
C SER A 274 -5.66 25.24 -16.92
N LYS A 275 -6.38 26.35 -17.07
CA LYS A 275 -5.87 27.66 -16.72
C LYS A 275 -6.00 27.93 -15.23
N ASP A 276 -6.46 26.95 -14.46
CA ASP A 276 -6.60 27.03 -13.01
C ASP A 276 -5.28 26.80 -12.29
N VAL A 277 -4.24 26.43 -13.00
CA VAL A 277 -2.93 26.15 -12.43
C VAL A 277 -2.01 27.28 -12.87
N THR A 278 -1.67 28.18 -11.94
CA THR A 278 -0.88 29.36 -12.26
C THR A 278 0.51 28.95 -12.75
N ASP A 279 1.29 29.94 -13.18
CA ASP A 279 2.63 29.58 -13.63
C ASP A 279 3.51 29.13 -12.49
N GLY A 280 3.24 29.61 -11.27
CA GLY A 280 3.96 29.14 -10.11
C GLY A 280 3.74 27.67 -9.85
N GLU A 281 2.46 27.27 -9.70
CA GLU A 281 2.11 25.89 -9.39
C GLU A 281 2.43 24.94 -10.54
N ARG A 282 2.39 25.39 -11.78
CA ARG A 282 2.90 24.56 -12.84
C ARG A 282 4.43 24.56 -12.76
N SER A 283 5.04 23.71 -13.59
CA SER A 283 6.49 23.54 -13.64
C SER A 283 6.89 22.80 -12.36
N ARG A 284 6.41 23.28 -11.21
CA ARG A 284 6.43 22.49 -9.99
C ARG A 284 5.73 21.16 -10.17
N VAL A 285 4.60 21.14 -10.87
CA VAL A 285 3.99 19.87 -11.26
C VAL A 285 4.91 19.15 -12.23
N LYS A 286 5.63 19.88 -13.07
CA LYS A 286 6.64 19.23 -13.89
C LYS A 286 7.84 18.78 -13.07
N ALA A 287 8.04 19.35 -11.89
CA ALA A 287 9.10 18.97 -10.96
C ALA A 287 8.73 17.80 -10.06
N PHE A 288 7.45 17.49 -9.91
CA PHE A 288 7.06 16.27 -9.23
C PHE A 288 7.14 15.04 -10.12
N ILE A 289 7.09 15.22 -11.45
CA ILE A 289 7.25 14.13 -12.42
C ILE A 289 8.54 13.38 -12.09
N PRO A 290 9.73 14.03 -12.08
CA PRO A 290 10.93 13.27 -11.69
C PRO A 290 10.79 12.55 -10.36
N LEU A 291 10.43 13.27 -9.30
CA LEU A 291 10.14 12.64 -8.00
C LEU A 291 9.18 11.47 -8.13
N PHE A 292 8.15 11.58 -8.99
CA PHE A 292 7.24 10.45 -9.17
C PHE A 292 7.99 9.25 -9.70
N ILE A 293 8.97 9.47 -10.58
CA ILE A 293 9.77 8.34 -11.04
C ILE A 293 10.49 7.71 -9.86
N LEU A 294 11.28 8.51 -9.13
CA LEU A 294 12.03 8.00 -7.99
C LEU A 294 11.13 7.35 -6.95
N GLY A 295 9.88 7.78 -6.86
CA GLY A 295 8.97 7.08 -5.96
C GLY A 295 8.45 5.80 -6.56
N MET A 296 8.41 5.74 -7.89
CA MET A 296 7.98 4.51 -8.54
C MET A 296 9.09 3.49 -8.51
N LEU A 297 10.31 3.93 -8.82
CA LEU A 297 11.43 3.02 -8.74
C LEU A 297 11.59 2.47 -7.33
N PHE A 298 11.33 3.30 -6.32
CA PHE A 298 11.49 2.84 -4.95
C PHE A 298 10.45 1.79 -4.59
N TRP A 299 9.16 2.15 -4.69
CA TRP A 299 8.13 1.22 -4.26
C TRP A 299 8.11 -0.04 -5.11
N SER A 300 8.68 -0.01 -6.31
CA SER A 300 8.90 -1.25 -7.04
C SER A 300 9.61 -2.26 -6.15
N ILE A 301 10.79 -1.90 -5.68
CA ILE A 301 11.60 -2.83 -4.91
C ILE A 301 10.98 -3.11 -3.56
N GLN A 302 10.46 -2.06 -2.89
CA GLN A 302 9.94 -2.26 -1.53
C GLN A 302 8.80 -3.26 -1.53
N GLU A 303 7.80 -3.04 -2.39
CA GLU A 303 6.63 -3.91 -2.45
C GLU A 303 6.95 -5.28 -3.05
N GLN A 304 8.18 -5.51 -3.51
CA GLN A 304 8.58 -6.85 -3.94
C GLN A 304 9.10 -7.67 -2.77
N GLY A 305 9.58 -7.06 -1.71
CA GLY A 305 9.86 -7.81 -0.51
C GLY A 305 8.66 -8.47 0.12
N SER A 306 7.50 -8.41 -0.54
CA SER A 306 6.31 -9.09 -0.06
C SER A 306 5.96 -10.30 -0.93
N ASN A 307 6.67 -10.53 -2.02
CA ASN A 307 6.31 -11.68 -2.84
C ASN A 307 7.52 -12.32 -3.50
N VAL A 308 8.61 -11.57 -3.64
CA VAL A 308 9.83 -12.08 -4.27
C VAL A 308 10.93 -12.35 -3.24
N LEU A 309 11.32 -11.33 -2.46
CA LEU A 309 12.42 -11.53 -1.51
C LEU A 309 12.12 -12.65 -0.53
N ASN A 310 10.92 -12.68 0.01
CA ASN A 310 10.65 -13.66 1.04
C ASN A 310 10.58 -15.10 0.49
N ILE A 311 10.10 -15.31 -0.73
CA ILE A 311 10.20 -16.66 -1.29
C ILE A 311 11.66 -17.05 -1.44
N TYR A 312 12.47 -16.15 -1.97
CA TYR A 312 13.90 -16.43 -2.16
C TYR A 312 14.56 -16.81 -0.85
N GLY A 313 14.20 -16.14 0.23
CA GLY A 313 14.80 -16.48 1.51
C GLY A 313 14.32 -17.82 2.03
N LEU A 314 13.03 -18.11 1.87
CA LEU A 314 12.52 -19.41 2.28
C LEU A 314 13.18 -20.56 1.53
N GLU A 315 13.56 -20.34 0.27
CA GLU A 315 14.07 -21.45 -0.53
C GLU A 315 15.58 -21.46 -0.68
N ARG A 316 16.27 -20.37 -0.36
CA ARG A 316 17.68 -20.25 -0.69
C ARG A 316 18.59 -20.02 0.52
N SER A 317 18.03 -19.80 1.71
CA SER A 317 18.81 -19.50 2.91
C SER A 317 18.43 -20.49 4.00
N ASP A 318 19.25 -20.53 5.05
CA ASP A 318 19.09 -21.49 6.13
C ASP A 318 17.89 -21.20 7.03
N MET A 319 17.27 -20.03 6.91
CA MET A 319 16.11 -19.67 7.70
C MET A 319 16.38 -19.83 9.19
N GLN A 320 17.62 -19.57 9.58
CA GLN A 320 18.03 -19.66 10.97
C GLN A 320 18.64 -18.30 11.33
N LEU A 321 17.88 -17.49 12.07
CA LEU A 321 18.41 -16.22 12.54
C LEU A 321 19.57 -16.47 13.50
N ASN A 322 20.55 -15.56 13.47
CA ASN A 322 21.84 -15.85 14.07
C ASN A 322 22.55 -14.54 14.43
N LEU A 323 22.17 -13.95 15.57
CA LEU A 323 22.73 -12.68 16.00
C LEU A 323 23.38 -12.83 17.37
N PHE A 324 24.68 -12.56 17.42
CA PHE A 324 25.46 -12.50 18.65
C PHE A 324 25.06 -13.61 19.62
N GLY A 325 25.02 -14.84 19.09
CA GLY A 325 24.72 -16.04 19.86
C GLY A 325 23.25 -16.40 19.95
N TRP A 326 22.35 -15.47 19.66
CA TRP A 326 20.92 -15.76 19.71
C TRP A 326 20.52 -16.35 18.36
N THR A 327 20.41 -17.67 18.31
CA THR A 327 19.87 -18.35 17.16
C THR A 327 18.44 -18.82 17.43
N THR A 328 17.58 -18.69 16.41
CA THR A 328 16.29 -19.36 16.38
C THR A 328 15.76 -19.40 14.95
N ARG A 329 14.84 -20.33 14.73
CA ARG A 329 14.22 -20.50 13.43
C ARG A 329 13.52 -19.22 13.03
N PHE A 330 13.84 -18.73 11.86
CA PHE A 330 13.19 -17.54 11.33
C PHE A 330 11.97 -17.99 10.56
N GLY A 331 10.79 -17.78 11.14
CA GLY A 331 9.56 -18.04 10.42
C GLY A 331 9.42 -17.16 9.18
N GLU A 332 8.92 -17.75 8.09
CA GLU A 332 8.90 -17.07 6.79
C GLU A 332 7.88 -15.94 6.74
N ALA A 333 6.76 -16.05 7.45
CA ALA A 333 5.83 -14.92 7.53
C ALA A 333 6.42 -13.75 8.28
N LEU A 334 7.48 -13.96 9.05
CA LEU A 334 8.06 -12.91 9.89
C LEU A 334 8.85 -11.89 9.09
N PHE A 335 8.99 -12.07 7.77
CA PHE A 335 9.69 -11.08 6.98
C PHE A 335 8.89 -9.80 6.87
N GLN A 336 7.57 -9.89 6.97
CA GLN A 336 6.76 -8.72 6.71
C GLN A 336 6.66 -7.82 7.91
N SER A 337 7.37 -8.17 9.00
CA SER A 337 7.39 -7.45 10.27
C SER A 337 8.63 -6.61 10.47
N ILE A 338 9.70 -6.88 9.73
CA ILE A 338 10.84 -5.97 9.80
C ILE A 338 10.42 -4.59 9.36
N ASN A 339 9.79 -4.51 8.17
CA ASN A 339 9.49 -3.22 7.56
C ASN A 339 8.66 -2.29 8.44
N PRO A 340 7.57 -2.70 9.10
CA PRO A 340 6.96 -1.81 10.10
C PRO A 340 7.79 -1.64 11.38
N LEU A 341 8.47 -2.67 11.88
CA LEU A 341 9.16 -2.55 13.16
C LEU A 341 10.13 -1.38 13.16
N PHE A 342 10.94 -1.27 12.11
CA PHE A 342 11.90 -0.18 12.00
C PHE A 342 11.22 1.14 11.72
N ILE A 343 10.02 1.13 11.17
CA ILE A 343 9.28 2.37 11.09
C ILE A 343 8.87 2.80 12.49
N LEU A 344 8.19 1.93 13.22
CA LEU A 344 7.77 2.23 14.59
C LEU A 344 8.93 2.64 15.51
N LEU A 345 10.13 2.13 15.30
CA LEU A 345 11.27 2.54 16.11
C LEU A 345 11.86 3.85 15.62
N PHE A 346 12.13 3.95 14.32
CA PHE A 346 12.98 5.01 13.77
C PHE A 346 12.23 6.05 12.93
N ALA A 347 10.91 6.00 12.86
CA ALA A 347 10.16 7.15 12.40
C ALA A 347 10.39 8.37 13.28
N PRO A 348 10.36 8.28 14.62
CA PRO A 348 10.74 9.45 15.43
C PRO A 348 12.21 9.87 15.33
N VAL A 349 13.13 8.99 14.96
CA VAL A 349 14.56 9.31 15.07
C VAL A 349 15.16 9.86 13.77
N ILE A 350 14.65 9.46 12.59
CA ILE A 350 14.93 10.21 11.37
C ILE A 350 14.20 11.55 11.38
N SER A 351 13.27 11.74 12.31
CA SER A 351 12.63 13.05 12.48
C SER A 351 13.55 14.06 13.15
N MET A 352 14.48 13.59 13.99
CA MET A 352 15.41 14.53 14.60
C MET A 352 16.58 14.85 13.68
N ILE A 353 16.98 13.89 12.82
CA ILE A 353 18.04 14.17 11.84
C ILE A 353 17.69 15.38 10.98
N TRP A 354 16.43 15.48 10.54
CA TRP A 354 16.05 16.61 9.71
C TRP A 354 15.78 17.88 10.54
N LEU A 355 15.37 17.75 11.80
CA LEU A 355 15.09 18.92 12.63
C LEU A 355 16.35 19.58 13.16
N LYS A 356 17.39 18.79 13.49
CA LYS A 356 18.66 19.37 13.93
C LYS A 356 19.42 20.05 12.79
N MET A 357 19.03 19.84 11.53
CA MET A 357 19.73 20.47 10.41
C MET A 357 19.07 21.74 9.92
N GLY A 358 17.78 21.92 10.21
CA GLY A 358 17.09 23.13 9.77
C GLY A 358 17.12 23.27 8.26
N LYS A 359 17.73 24.37 7.79
CA LYS A 359 17.73 24.69 6.36
C LYS A 359 18.77 23.93 5.56
N LYS A 360 19.85 23.46 6.18
CA LYS A 360 20.83 22.67 5.44
C LYS A 360 20.39 21.23 5.26
N GLN A 361 19.14 20.97 5.58
CA GLN A 361 18.38 19.78 5.22
C GLN A 361 18.71 19.32 3.81
N PRO A 362 18.57 18.04 3.53
CA PRO A 362 18.49 17.63 2.13
C PRO A 362 17.35 18.36 1.45
N SER A 363 17.48 18.53 0.13
CA SER A 363 16.39 19.08 -0.68
C SER A 363 15.18 18.17 -0.62
N LEU A 364 14.42 18.06 -1.70
CA LEU A 364 13.36 17.07 -1.69
C LEU A 364 13.65 15.94 -2.63
N ALA A 365 14.21 16.27 -3.80
CA ALA A 365 14.72 15.24 -4.69
C ALA A 365 15.91 14.52 -4.06
N ILE A 366 16.64 15.22 -3.17
CA ILE A 366 17.77 14.60 -2.49
C ILE A 366 17.29 13.42 -1.67
N LYS A 367 16.30 13.64 -0.80
CA LYS A 367 15.66 12.52 -0.12
C LYS A 367 15.29 11.43 -1.12
N PHE A 368 14.41 11.78 -2.06
CA PHE A 368 13.92 10.82 -3.04
C PHE A 368 15.02 10.08 -3.76
N SER A 369 16.19 10.71 -3.93
CA SER A 369 17.33 10.02 -4.51
C SER A 369 18.02 9.11 -3.50
N ILE A 370 18.15 9.59 -2.26
CA ILE A 370 18.70 8.77 -1.19
C ILE A 370 17.90 7.47 -1.08
N GLY A 371 16.58 7.59 -0.91
CA GLY A 371 15.70 6.45 -0.70
C GLY A 371 15.53 5.52 -1.91
N THR A 372 15.83 6.00 -3.11
CA THR A 372 15.85 5.09 -4.24
C THR A 372 17.19 4.42 -4.40
N LEU A 373 18.26 5.14 -4.10
CA LEU A 373 19.57 4.54 -4.14
C LEU A 373 19.64 3.34 -3.20
N LEU A 374 19.23 3.54 -1.94
CA LEU A 374 19.29 2.46 -0.97
C LEU A 374 18.51 1.24 -1.43
N ALA A 375 17.22 1.40 -1.69
CA ALA A 375 16.44 0.31 -2.23
C ALA A 375 17.16 -0.30 -3.42
N GLY A 376 17.78 0.53 -4.25
CA GLY A 376 18.62 0.02 -5.32
C GLY A 376 19.80 -0.79 -4.77
N LEU A 377 20.58 -0.16 -3.88
CA LEU A 377 21.70 -0.86 -3.27
C LEU A 377 21.25 -2.13 -2.56
N SER A 378 20.00 -2.17 -2.08
CA SER A 378 19.54 -3.30 -1.30
C SER A 378 19.34 -4.54 -2.17
N TYR A 379 18.86 -4.35 -3.40
CA TYR A 379 18.74 -5.46 -4.34
C TYR A 379 20.10 -5.88 -4.89
N ILE A 380 21.04 -4.95 -4.97
CA ILE A 380 22.42 -5.30 -5.34
C ILE A 380 23.03 -6.17 -4.27
N LEU A 381 22.73 -5.88 -3.01
CA LEU A 381 23.23 -6.71 -1.92
C LEU A 381 22.77 -8.13 -2.17
N ILE A 382 21.46 -8.37 -2.11
CA ILE A 382 20.98 -9.74 -2.03
C ILE A 382 21.33 -10.49 -3.30
N GLY A 383 21.35 -9.80 -4.43
CA GLY A 383 21.81 -10.44 -5.65
C GLY A 383 23.25 -10.88 -5.53
N LEU A 384 24.10 -10.04 -4.93
CA LEU A 384 25.51 -10.39 -4.85
C LEU A 384 25.72 -11.55 -3.90
N VAL A 385 25.00 -11.56 -2.78
CA VAL A 385 25.09 -12.68 -1.86
C VAL A 385 24.78 -13.98 -2.60
N GLY A 386 23.61 -14.04 -3.25
CA GLY A 386 23.28 -15.21 -4.02
C GLY A 386 24.32 -15.54 -5.06
N LEU A 387 24.98 -14.51 -5.59
CA LEU A 387 25.99 -14.73 -6.61
C LEU A 387 27.28 -15.28 -6.01
N GLY A 388 27.67 -14.77 -4.84
CA GLY A 388 28.80 -15.35 -4.16
C GLY A 388 28.56 -16.80 -3.74
N TYR A 389 27.49 -17.02 -2.98
CA TYR A 389 27.27 -18.33 -2.37
C TYR A 389 26.83 -19.40 -3.38
N GLY A 390 26.02 -19.04 -4.36
CA GLY A 390 25.58 -20.03 -5.33
C GLY A 390 24.63 -21.05 -4.70
N HIS A 391 24.94 -22.33 -4.89
CA HIS A 391 24.06 -23.39 -4.43
C HIS A 391 24.07 -23.55 -2.90
N THR A 392 25.04 -22.98 -2.21
CA THR A 392 25.20 -23.24 -0.79
C THR A 392 24.29 -22.36 0.05
N GLN A 393 23.53 -23.00 0.95
CA GLN A 393 22.52 -22.35 1.77
C GLN A 393 23.15 -21.35 2.71
N PHE A 394 22.94 -20.05 2.46
CA PHE A 394 23.52 -18.97 3.25
C PHE A 394 22.58 -18.56 4.40
N SER A 395 23.07 -17.63 5.23
CA SER A 395 22.31 -17.21 6.40
C SER A 395 21.15 -16.29 6.04
N VAL A 396 20.02 -16.48 6.73
CA VAL A 396 18.89 -15.59 6.56
C VAL A 396 19.20 -14.21 7.10
N ASN A 397 20.26 -14.08 7.89
CA ASN A 397 20.83 -12.77 8.16
C ASN A 397 20.86 -11.90 6.91
N TRP A 398 21.39 -12.41 5.80
CA TRP A 398 21.54 -11.57 4.61
C TRP A 398 20.18 -11.13 4.07
N VAL A 399 19.20 -12.03 4.08
CA VAL A 399 17.88 -11.65 3.57
C VAL A 399 17.28 -10.55 4.44
N ILE A 400 17.52 -10.61 5.76
CA ILE A 400 17.05 -9.54 6.61
C ILE A 400 17.80 -8.24 6.32
N LEU A 401 19.11 -8.33 6.05
CA LEU A 401 19.86 -7.11 5.84
C LEU A 401 19.38 -6.35 4.62
N SER A 402 18.82 -7.05 3.64
CA SER A 402 18.24 -6.33 2.52
C SER A 402 17.02 -5.55 2.99
N TYR A 403 16.07 -6.24 3.64
CA TYR A 403 14.84 -5.61 4.11
C TYR A 403 15.13 -4.33 4.87
N VAL A 404 16.21 -4.35 5.65
CA VAL A 404 16.52 -3.23 6.53
C VAL A 404 17.02 -2.04 5.72
N ILE A 405 18.03 -2.26 4.89
CA ILE A 405 18.50 -1.23 3.96
C ILE A 405 17.31 -0.60 3.23
N CYS A 406 16.37 -1.43 2.78
CA CYS A 406 15.21 -0.88 2.10
C CYS A 406 14.39 -0.01 3.03
N VAL A 407 14.05 -0.53 4.22
CA VAL A 407 13.17 0.26 5.08
C VAL A 407 13.84 1.54 5.58
N ILE A 408 15.17 1.57 5.58
CA ILE A 408 15.87 2.79 5.91
C ILE A 408 15.75 3.79 4.78
N GLY A 409 15.76 3.30 3.54
CA GLY A 409 15.50 4.15 2.40
C GLY A 409 14.10 4.75 2.43
N GLU A 410 13.11 3.96 2.85
CA GLU A 410 11.77 4.49 2.96
C GLU A 410 11.69 5.61 3.99
N LEU A 411 12.53 5.56 5.03
CA LEU A 411 12.49 6.59 6.04
C LEU A 411 12.81 7.96 5.47
N CYS A 412 13.50 8.03 4.35
CA CYS A 412 13.66 9.33 3.73
C CYS A 412 12.54 9.63 2.76
N LEU A 413 11.93 8.61 2.17
CA LEU A 413 11.06 8.72 1.01
C LEU A 413 9.57 8.61 1.31
N SER A 414 9.19 7.93 2.38
CA SER A 414 7.78 7.85 2.76
C SER A 414 7.34 9.14 3.48
N PRO A 415 8.14 9.71 4.40
CA PRO A 415 7.69 10.93 5.07
C PRO A 415 7.78 12.17 4.21
N THR A 416 8.50 12.10 3.10
CA THR A 416 8.69 13.27 2.24
C THR A 416 7.67 13.35 1.11
N GLY A 417 7.34 12.22 0.47
CA GLY A 417 6.43 12.24 -0.67
C GLY A 417 4.98 12.51 -0.30
N ASN A 418 4.60 12.29 0.97
CA ASN A 418 3.28 12.61 1.50
C ASN A 418 3.24 13.89 2.31
N SER A 419 4.37 14.32 2.87
CA SER A 419 4.49 15.73 3.22
C SER A 419 4.36 16.57 1.97
N ALA A 420 4.98 16.16 0.87
CA ALA A 420 5.01 16.93 -0.37
C ALA A 420 3.86 16.63 -1.32
N ALA A 421 3.12 15.53 -1.11
CA ALA A 421 1.94 15.25 -1.92
C ALA A 421 1.02 16.45 -1.92
N VAL A 422 0.40 16.69 -0.76
CA VAL A 422 -0.61 17.74 -0.62
C VAL A 422 0.06 18.92 0.09
N LYS A 423 1.38 19.03 -0.07
CA LYS A 423 2.06 20.28 0.29
C LYS A 423 1.92 21.29 -0.84
N LEU A 424 2.70 21.10 -1.88
CA LEU A 424 2.67 22.04 -2.98
C LEU A 424 1.85 21.44 -4.11
N ALA A 425 0.64 21.06 -3.80
CA ALA A 425 -0.32 20.69 -4.82
C ALA A 425 -0.94 21.97 -5.37
N PRO A 426 -1.33 21.99 -6.64
CA PRO A 426 -1.97 23.18 -7.21
C PRO A 426 -3.21 23.57 -6.41
N LYS A 427 -3.26 24.83 -5.97
CA LYS A 427 -4.28 25.30 -5.04
C LYS A 427 -5.71 25.10 -5.55
N ALA A 428 -5.90 24.23 -6.55
CA ALA A 428 -7.15 23.76 -7.11
C ALA A 428 -7.19 22.24 -7.25
N PHE A 429 -6.10 21.63 -7.72
CA PHE A 429 -6.06 20.20 -7.96
C PHE A 429 -5.40 19.48 -6.79
N ASN A 430 -5.85 19.79 -5.56
CA ASN A 430 -5.23 19.21 -4.37
C ASN A 430 -5.46 17.71 -4.30
N ALA A 431 -6.73 17.29 -4.26
CA ALA A 431 -7.01 15.86 -4.28
C ALA A 431 -6.31 15.22 -5.46
N GLN A 432 -6.39 15.87 -6.63
CA GLN A 432 -5.71 15.40 -7.83
C GLN A 432 -4.22 15.20 -7.61
N MET A 433 -3.64 15.85 -6.60
CA MET A 433 -2.23 15.64 -6.32
C MET A 433 -2.05 14.58 -5.25
N MET A 434 -2.99 14.49 -4.31
CA MET A 434 -3.03 13.33 -3.45
C MET A 434 -3.05 12.05 -4.29
N SER A 435 -3.92 12.01 -5.32
CA SER A 435 -4.02 10.82 -6.16
C SER A 435 -2.73 10.55 -6.92
N VAL A 436 -1.97 11.59 -7.24
CA VAL A 436 -0.69 11.36 -7.90
C VAL A 436 0.25 10.59 -6.98
N TRP A 437 0.69 11.21 -5.87
CA TRP A 437 1.74 10.60 -5.05
C TRP A 437 1.38 9.17 -4.69
N LEU A 438 0.11 8.92 -4.35
CA LEU A 438 -0.33 7.56 -4.05
C LEU A 438 -0.06 6.61 -5.20
N LEU A 439 -0.21 7.05 -6.45
CA LEU A 439 0.03 6.18 -7.59
C LEU A 439 1.47 5.72 -7.69
N THR A 440 2.40 6.41 -7.02
CA THR A 440 3.77 5.91 -6.94
C THR A 440 3.79 4.50 -6.41
N ASN A 441 2.84 4.18 -5.52
CA ASN A 441 2.69 2.85 -5.00
C ASN A 441 1.86 1.96 -5.89
N ALA A 442 0.90 2.53 -6.62
CA ALA A 442 0.03 1.70 -7.44
C ALA A 442 0.71 1.31 -8.74
N SER A 443 1.45 2.23 -9.35
CA SER A 443 2.12 1.91 -10.60
C SER A 443 3.27 0.93 -10.38
N ALA A 444 4.11 1.16 -9.36
CA ALA A 444 5.09 0.16 -8.99
C ALA A 444 4.44 -1.21 -8.90
N GLN A 445 3.30 -1.29 -8.25
CA GLN A 445 2.62 -2.57 -8.03
C GLN A 445 2.03 -3.15 -9.31
N ALA A 446 1.55 -2.32 -10.24
CA ALA A 446 1.15 -2.85 -11.53
C ALA A 446 2.35 -3.19 -12.40
N ILE A 447 3.47 -2.50 -12.23
CA ILE A 447 4.67 -2.87 -12.95
C ILE A 447 5.23 -4.18 -12.42
N ASN A 448 5.26 -4.33 -11.10
CA ASN A 448 5.69 -5.58 -10.51
C ASN A 448 4.79 -6.73 -10.97
N GLY A 449 3.47 -6.51 -11.01
CA GLY A 449 2.58 -7.57 -11.45
C GLY A 449 3.01 -8.19 -12.76
N THR A 450 3.79 -7.46 -13.55
CA THR A 450 4.35 -7.98 -14.80
C THR A 450 5.85 -8.20 -14.75
N LEU A 451 6.57 -7.34 -14.01
CA LEU A 451 8.01 -7.45 -13.83
C LEU A 451 8.48 -8.83 -13.35
N VAL A 452 7.68 -9.50 -12.53
CA VAL A 452 8.12 -10.76 -11.94
C VAL A 452 8.21 -11.89 -12.94
N LYS A 453 7.58 -11.76 -14.11
CA LYS A 453 7.69 -12.76 -15.17
C LYS A 453 9.11 -12.89 -15.69
N LEU A 454 9.96 -11.88 -15.46
CA LEU A 454 11.38 -11.94 -15.77
C LEU A 454 12.20 -12.79 -14.80
N ILE A 455 11.58 -13.46 -13.82
CA ILE A 455 12.37 -14.25 -12.87
C ILE A 455 12.82 -15.55 -13.51
N LYS A 456 11.88 -16.29 -14.10
CA LYS A 456 12.26 -17.50 -14.83
C LYS A 456 13.34 -17.20 -15.87
N PRO A 457 13.11 -16.31 -16.86
CA PRO A 457 14.16 -16.13 -17.88
C PRO A 457 15.49 -15.58 -17.36
N LEU A 458 15.49 -14.61 -16.45
CA LEU A 458 16.77 -14.09 -15.97
C LEU A 458 17.37 -14.89 -14.82
N GLY A 459 16.63 -15.82 -14.23
CA GLY A 459 17.15 -16.48 -13.05
C GLY A 459 16.98 -15.63 -11.80
N GLN A 460 16.58 -16.26 -10.70
CA GLN A 460 16.21 -15.54 -9.49
C GLN A 460 17.28 -14.57 -9.02
N THR A 461 18.55 -14.94 -9.19
CA THR A 461 19.64 -14.12 -8.69
C THR A 461 19.88 -12.91 -9.59
N ASN A 462 20.11 -13.15 -10.89
CA ASN A 462 20.43 -12.05 -11.79
C ASN A 462 19.31 -11.02 -11.85
N TYR A 463 18.07 -11.47 -11.81
CA TYR A 463 16.94 -10.58 -11.61
C TYR A 463 17.31 -9.47 -10.65
N PHE A 464 17.64 -9.85 -9.40
CA PHE A 464 17.93 -8.89 -8.32
C PHE A 464 19.01 -7.90 -8.73
N ILE A 465 19.97 -8.32 -9.55
CA ILE A 465 21.04 -7.40 -9.87
C ILE A 465 20.61 -6.46 -11.00
N PHE A 466 19.70 -6.90 -11.87
CA PHE A 466 19.22 -6.01 -12.91
C PHE A 466 18.39 -4.85 -12.32
N LEU A 467 17.46 -5.16 -11.42
CA LEU A 467 16.56 -4.12 -10.89
C LEU A 467 17.32 -3.11 -10.04
N GLY A 468 18.17 -3.58 -9.14
CA GLY A 468 18.93 -2.66 -8.32
C GLY A 468 19.72 -1.67 -9.15
N THR A 469 20.07 -2.07 -10.37
CA THR A 469 20.96 -1.25 -11.21
C THR A 469 20.19 -0.19 -11.97
N VAL A 470 18.98 -0.50 -12.44
CA VAL A 470 18.18 0.52 -13.08
C VAL A 470 17.78 1.58 -12.06
N ALA A 471 17.57 1.16 -10.81
CA ALA A 471 17.26 2.11 -9.75
C ALA A 471 18.41 3.08 -9.55
N ILE A 472 19.63 2.57 -9.42
CA ILE A 472 20.76 3.43 -9.12
C ILE A 472 21.14 4.27 -10.33
N VAL A 473 21.24 3.62 -11.51
CA VAL A 473 21.52 4.35 -12.75
C VAL A 473 20.54 5.50 -12.93
N ILE A 474 19.25 5.15 -13.01
CA ILE A 474 18.25 6.17 -13.28
C ILE A 474 18.16 7.18 -12.13
N THR A 475 18.49 6.77 -10.91
CA THR A 475 18.49 7.75 -9.82
C THR A 475 19.62 8.74 -10.02
N LEU A 476 20.83 8.24 -10.27
CA LEU A 476 21.96 9.13 -10.47
C LEU A 476 21.73 10.10 -11.63
N ILE A 477 21.12 9.62 -12.70
CA ILE A 477 20.77 10.51 -13.80
C ILE A 477 19.95 11.69 -13.29
N ILE A 478 18.83 11.39 -12.62
CA ILE A 478 17.94 12.45 -12.16
C ILE A 478 18.64 13.34 -11.14
N LEU A 479 19.60 12.79 -10.40
CA LEU A 479 20.39 13.58 -9.45
C LEU A 479 21.26 14.63 -10.12
N VAL A 480 21.53 14.51 -11.42
CA VAL A 480 22.28 15.60 -12.04
C VAL A 480 21.37 16.80 -12.28
N PHE A 481 20.09 16.55 -12.55
CA PHE A 481 19.09 17.59 -12.69
C PHE A 481 18.50 18.00 -11.35
N SER A 482 19.14 17.63 -10.25
CA SER A 482 18.61 17.81 -8.91
C SER A 482 18.62 19.26 -8.43
N PRO A 483 19.35 20.21 -9.08
CA PRO A 483 19.13 21.61 -8.70
C PRO A 483 17.95 22.25 -9.42
N LYS A 484 17.69 21.83 -10.67
CA LYS A 484 16.57 22.37 -11.44
C LYS A 484 15.23 21.98 -10.79
N ILE A 485 15.10 20.71 -10.40
CA ILE A 485 13.93 20.22 -9.67
C ILE A 485 13.75 20.98 -8.36
N THR A 486 14.86 21.38 -7.73
CA THR A 486 14.76 22.00 -6.43
C THR A 486 14.14 23.39 -6.54
N LYS A 487 14.47 24.12 -7.62
CA LYS A 487 13.80 25.39 -7.89
C LYS A 487 12.29 25.16 -7.92
N ALA A 488 11.64 25.44 -6.79
CA ALA A 488 10.22 25.16 -6.64
C ALA A 488 9.69 25.79 -5.36
#